data_9GH6
#
_entry.id   9GH6
#
_cell.length_a   1.00
_cell.length_b   1.00
_cell.length_c   1.00
_cell.angle_alpha   90.00
_cell.angle_beta   90.00
_cell.angle_gamma   90.00
#
_symmetry.space_group_name_H-M   'P 1'
#
loop_
_entity.id
_entity.type
_entity.pdbx_description
1 polymer 'Carcinoembryonic antigen-related cell adhesion molecule 1'
2 non-polymer 2-acetamido-2-deoxy-beta-D-glucopyranose
#
_entity_poly.entity_id   1
_entity_poly.type   'polypeptide(L)'
_entity_poly.pdbx_seq_one_letter_code
;MGHLSAPLHRVRVPWQGLLLTASLLTFWNPPTTAQLTTESMPFNVAEGKEVLLLVHNLPQQLFGYSWYKGERVDGNRQIV
GYAIGTQQATPGPANSGRETIYPNASLLIQNVTQNDTGFYTLQVIKSDLVNEEATGQFHVYPELPKPSISSNNSNPVEDK
DAVAFTCEPETQDTTYLWWINNQSLPVSPRLQLSNGNRTLTLLSVTRNDTGPYECEIQNPVSANRSDPVTLNVTYGPDTP
TISPSDTYYRPGANLSLSCYAASNPPAQYSWLINGTFQQSTQELFIPNITVNNSGSYTCHANNSVTGCNRTTVKTIIVTE
LSPVVAKPQIKASKTTVTGDKDSVNLTCSTNDTGISIRWFFKNQSLPSSERMKLSQGNTTLSINPVKREDAGTYWCEVFN
PISKNQSDPIMLNVNYNALPQENGLSPGHHHHHH
;
_entity_poly.pdbx_strand_id   D
#
loop_
_chem_comp.id
_chem_comp.type
_chem_comp.name
_chem_comp.formula
NAG D-saccharide, beta linking 2-acetamido-2-deoxy-beta-D-glucopyranose 'C8 H15 N O6'
#
# COMPACT_ATOMS: atom_id res chain seq x y z
N GLN A 35 -15.46 15.29 19.96
CA GLN A 35 -15.41 14.35 18.81
C GLN A 35 -14.01 13.79 18.63
N LEU A 36 -13.70 12.73 19.36
CA LEU A 36 -12.40 12.11 19.27
C LEU A 36 -12.19 11.53 17.87
N THR A 37 -11.00 11.73 17.32
CA THR A 37 -10.66 11.24 15.99
C THR A 37 -9.23 10.75 15.99
N THR A 38 -8.95 9.83 15.06
CA THR A 38 -7.63 9.23 14.93
C THR A 38 -7.14 9.40 13.49
N GLU A 39 -5.83 9.62 13.36
CA GLU A 39 -5.19 9.78 12.06
C GLU A 39 -3.97 8.87 12.01
N SER A 40 -3.85 8.10 10.92
CA SER A 40 -2.73 7.19 10.72
C SER A 40 -1.71 7.89 9.82
N MET A 41 -0.50 8.08 10.34
CA MET A 41 0.55 8.79 9.63
C MET A 41 1.74 7.86 9.41
N PRO A 42 2.05 7.47 8.18
CA PRO A 42 1.34 7.73 6.92
C PRO A 42 0.16 6.79 6.73
N PHE A 43 -0.76 7.10 5.81
CA PHE A 43 -1.88 6.21 5.56
C PHE A 43 -1.42 4.88 4.98
N ASN A 44 -0.45 4.91 4.07
CA ASN A 44 0.09 3.70 3.46
C ASN A 44 1.53 3.50 3.91
N VAL A 45 1.88 2.26 4.21
CA VAL A 45 3.20 1.94 4.74
C VAL A 45 3.74 0.70 4.02
N ALA A 46 5.01 0.74 3.66
CA ALA A 46 5.68 -0.42 3.11
C ALA A 46 6.02 -1.40 4.22
N GLU A 47 6.14 -2.68 3.85
CA GLU A 47 6.45 -3.70 4.83
C GLU A 47 7.81 -3.43 5.48
N GLY A 48 7.90 -3.73 6.76
CA GLY A 48 9.13 -3.55 7.50
C GLY A 48 9.28 -2.20 8.17
N LYS A 49 8.51 -1.19 7.76
CA LYS A 49 8.60 0.12 8.38
C LYS A 49 7.62 0.23 9.54
N GLU A 50 7.41 1.46 10.03
CA GLU A 50 6.58 1.69 11.20
C GLU A 50 5.48 2.68 10.85
N VAL A 51 4.37 2.58 11.57
CA VAL A 51 3.22 3.46 11.40
C VAL A 51 2.86 4.05 12.76
N LEU A 52 2.59 5.35 12.79
CA LEU A 52 2.25 6.06 14.01
C LEU A 52 0.81 6.54 13.91
N LEU A 53 0.00 6.17 14.91
CA LEU A 53 -1.40 6.57 14.95
C LEU A 53 -1.54 7.77 15.88
N LEU A 54 -2.06 8.87 15.35
CA LEU A 54 -2.23 10.09 16.12
C LEU A 54 -3.65 10.19 16.66
N VAL A 55 -3.80 10.98 17.71
CA VAL A 55 -5.08 11.17 18.40
C VAL A 55 -5.35 12.66 18.50
N HIS A 56 -6.59 13.05 18.23
CA HIS A 56 -7.00 14.45 18.25
C HIS A 56 -8.26 14.61 19.10
N ASN A 57 -8.45 15.82 19.63
CA ASN A 57 -9.61 16.14 20.45
C ASN A 57 -9.69 15.25 21.68
N LEU A 58 -8.53 14.96 22.26
CA LEU A 58 -8.50 14.13 23.46
C LEU A 58 -9.13 14.88 24.62
N PRO A 59 -10.07 14.27 25.36
CA PRO A 59 -10.71 15.00 26.47
C PRO A 59 -9.72 15.56 27.47
N GLN A 60 -10.16 16.53 28.28
CA GLN A 60 -9.28 17.16 29.24
C GLN A 60 -9.00 16.24 30.43
N GLN A 61 -10.02 15.54 30.93
CA GLN A 61 -9.89 14.67 32.08
C GLN A 61 -9.93 13.23 31.61
N LEU A 62 -8.91 12.46 31.96
CA LEU A 62 -8.74 11.11 31.45
C LEU A 62 -8.39 10.16 32.58
N PHE A 63 -8.66 8.88 32.36
CA PHE A 63 -8.32 7.83 33.29
C PHE A 63 -7.43 6.76 32.68
N GLY A 64 -7.58 6.47 31.39
CA GLY A 64 -6.72 5.50 30.74
C GLY A 64 -7.09 5.37 29.28
N TYR A 65 -6.19 4.74 28.54
CA TYR A 65 -6.36 4.48 27.11
C TYR A 65 -6.22 3.00 26.84
N SER A 66 -6.72 2.56 25.69
CA SER A 66 -6.62 1.17 25.28
C SER A 66 -6.79 1.09 23.77
N TRP A 67 -5.91 0.34 23.12
CA TRP A 67 -5.96 0.13 21.69
C TRP A 67 -6.31 -1.31 21.39
N TYR A 68 -7.30 -1.52 20.52
CA TYR A 68 -7.79 -2.84 20.20
C TYR A 68 -7.66 -3.10 18.70
N LYS A 69 -7.30 -4.34 18.36
CA LYS A 69 -7.25 -4.74 16.97
C LYS A 69 -8.67 -5.03 16.46
N GLY A 70 -9.09 -4.29 15.44
CA GLY A 70 -10.41 -4.44 14.87
C GLY A 70 -11.34 -3.31 15.25
N GLU A 71 -12.51 -3.32 14.61
CA GLU A 71 -13.50 -2.26 14.80
C GLU A 71 -14.30 -2.42 16.10
N ARG A 72 -14.13 -3.53 16.81
CA ARG A 72 -14.91 -3.81 18.01
C ARG A 72 -14.00 -3.82 19.22
N VAL A 73 -14.46 -3.21 20.31
CA VAL A 73 -13.71 -3.19 21.55
C VAL A 73 -13.96 -4.51 22.28
N ASP A 74 -12.96 -5.39 22.28
CA ASP A 74 -13.10 -6.69 22.93
C ASP A 74 -11.83 -6.97 23.72
N GLY A 75 -11.99 -7.64 24.86
CA GLY A 75 -10.85 -7.89 25.73
C GLY A 75 -9.75 -8.68 25.04
N ASN A 76 -10.11 -9.74 24.33
CA ASN A 76 -9.10 -10.59 23.68
C ASN A 76 -8.30 -9.84 22.63
N ARG A 77 -8.85 -8.78 22.04
CA ARG A 77 -8.19 -8.03 21.00
C ARG A 77 -7.40 -6.84 21.51
N GLN A 78 -7.35 -6.64 22.83
CA GLN A 78 -6.63 -5.50 23.39
C GLN A 78 -5.16 -5.60 23.02
N ILE A 79 -4.60 -4.49 22.56
CA ILE A 79 -3.20 -4.45 22.15
C ILE A 79 -2.30 -3.92 23.25
N VAL A 80 -2.70 -2.81 23.88
CA VAL A 80 -1.93 -2.21 24.96
C VAL A 80 -2.84 -1.26 25.72
N GLY A 81 -2.52 -1.04 26.98
CA GLY A 81 -3.30 -0.14 27.81
C GLY A 81 -2.40 0.72 28.67
N TYR A 82 -2.90 1.90 29.01
CA TYR A 82 -2.16 2.86 29.80
C TYR A 82 -3.08 3.44 30.86
N ALA A 83 -2.55 3.61 32.07
CA ALA A 83 -3.30 4.17 33.20
C ALA A 83 -2.60 5.42 33.68
N ILE A 84 -3.21 6.58 33.43
CA ILE A 84 -2.59 7.84 33.81
C ILE A 84 -2.38 7.92 35.32
N GLY A 85 -3.31 7.40 36.11
CA GLY A 85 -3.19 7.53 37.55
C GLY A 85 -1.90 6.92 38.07
N THR A 86 -1.59 5.69 37.64
CA THR A 86 -0.36 5.03 38.06
C THR A 86 0.76 5.16 37.03
N GLN A 87 0.49 5.75 35.88
CA GLN A 87 1.50 5.92 34.83
C GLN A 87 2.13 4.57 34.45
N GLN A 88 1.28 3.55 34.33
CA GLN A 88 1.71 2.21 33.98
C GLN A 88 1.21 1.85 32.59
N ALA A 89 2.10 1.33 31.76
CA ALA A 89 1.76 0.83 30.43
C ALA A 89 1.89 -0.69 30.44
N THR A 90 0.81 -1.38 30.08
CA THR A 90 0.76 -2.83 30.16
C THR A 90 0.32 -3.39 28.81
N PRO A 91 1.08 -4.31 28.22
CA PRO A 91 0.64 -4.90 26.95
C PRO A 91 -0.59 -5.79 27.13
N GLY A 92 -1.38 -5.91 26.08
CA GLY A 92 -2.56 -6.74 26.10
C GLY A 92 -2.29 -8.11 25.52
N PRO A 93 -3.30 -8.98 25.54
CA PRO A 93 -3.13 -10.33 24.98
C PRO A 93 -2.75 -10.33 23.52
N ALA A 94 -3.15 -9.31 22.75
CA ALA A 94 -2.84 -9.24 21.33
C ALA A 94 -1.48 -8.59 21.06
N ASN A 95 -0.78 -8.16 22.10
CA ASN A 95 0.52 -7.52 21.91
C ASN A 95 1.51 -8.50 21.31
N SER A 96 2.38 -7.99 20.44
CA SER A 96 3.45 -8.79 19.83
C SER A 96 4.82 -8.19 20.07
N GLY A 97 4.94 -7.21 20.95
CA GLY A 97 6.21 -6.56 21.22
C GLY A 97 6.57 -5.45 20.26
N ARG A 98 5.83 -5.29 19.17
CA ARG A 98 6.10 -4.24 18.21
C ARG A 98 5.31 -2.96 18.49
N GLU A 99 4.46 -2.95 19.51
CA GLU A 99 3.55 -1.86 19.78
C GLU A 99 3.93 -1.16 21.07
N THR A 100 3.95 0.17 21.05
CA THR A 100 4.20 0.98 22.23
C THR A 100 3.16 2.08 22.30
N ILE A 101 2.76 2.43 23.51
CA ILE A 101 1.74 3.45 23.75
C ILE A 101 2.39 4.64 24.43
N TYR A 102 2.24 5.81 23.84
CA TYR A 102 2.80 7.03 24.39
C TYR A 102 1.81 7.72 25.31
N PRO A 103 2.28 8.58 26.21
CA PRO A 103 1.35 9.25 27.14
C PRO A 103 0.31 10.11 26.43
N ASN A 104 0.57 10.56 25.21
CA ASN A 104 -0.39 11.33 24.44
C ASN A 104 -1.34 10.45 23.64
N ALA A 105 -1.52 9.19 24.05
CA ALA A 105 -2.44 8.22 23.45
C ALA A 105 -1.98 7.74 22.08
N SER A 106 -0.87 8.24 21.56
CA SER A 106 -0.41 7.81 20.25
C SER A 106 0.10 6.38 20.31
N LEU A 107 -0.30 5.57 19.33
CA LEU A 107 0.14 4.19 19.21
C LEU A 107 1.16 4.09 18.09
N LEU A 108 2.32 3.51 18.38
CA LEU A 108 3.39 3.34 17.41
C LEU A 108 3.61 1.85 17.19
N ILE A 109 3.54 1.43 15.93
CA ILE A 109 3.74 0.03 15.55
C ILE A 109 4.98 -0.02 14.67
N GLN A 110 5.97 -0.80 15.09
CA GLN A 110 7.22 -0.91 14.36
C GLN A 110 7.30 -2.26 13.64
N ASN A 111 8.14 -2.31 12.62
CA ASN A 111 8.35 -3.53 11.83
C ASN A 111 7.02 -4.09 11.35
N VAL A 112 6.22 -3.21 10.75
CA VAL A 112 4.89 -3.58 10.30
C VAL A 112 4.97 -4.70 9.27
N THR A 113 3.86 -5.39 9.07
CA THR A 113 3.76 -6.47 8.11
C THR A 113 2.41 -6.40 7.41
N GLN A 114 2.30 -7.14 6.32
CA GLN A 114 1.06 -7.10 5.52
C GLN A 114 -0.14 -7.52 6.35
N ASN A 115 0.03 -8.50 7.23
CA ASN A 115 -1.08 -8.98 8.04
C ASN A 115 -1.63 -7.91 8.97
N ASP A 116 -0.89 -6.85 9.22
CA ASP A 116 -1.36 -5.78 10.11
C ASP A 116 -2.40 -4.89 9.46
N THR A 117 -2.60 -4.98 8.15
CA THR A 117 -3.57 -4.14 7.46
C THR A 117 -4.96 -4.38 8.01
N GLY A 118 -5.55 -3.37 8.63
CA GLY A 118 -6.87 -3.51 9.20
C GLY A 118 -7.23 -2.28 10.02
N PHE A 119 -8.39 -2.38 10.67
CA PHE A 119 -8.89 -1.28 11.48
C PHE A 119 -8.37 -1.38 12.91
N TYR A 120 -8.24 -0.23 13.55
CA TYR A 120 -7.83 -0.16 14.94
C TYR A 120 -8.74 0.83 15.67
N THR A 121 -9.13 0.48 16.89
CA THR A 121 -10.04 1.29 17.69
C THR A 121 -9.37 1.70 18.99
N LEU A 122 -9.51 2.97 19.35
CA LEU A 122 -8.95 3.52 20.56
C LEU A 122 -10.07 3.75 21.57
N GLN A 123 -9.88 3.27 22.79
CA GLN A 123 -10.83 3.44 23.87
C GLN A 123 -10.25 4.39 24.91
N VAL A 124 -10.99 5.46 25.20
CA VAL A 124 -10.56 6.48 26.15
C VAL A 124 -11.51 6.46 27.33
N ILE A 125 -10.95 6.32 28.53
CA ILE A 125 -11.73 6.25 29.76
C ILE A 125 -11.63 7.62 30.44
N LYS A 126 -12.77 8.31 30.55
CA LYS A 126 -12.80 9.63 31.14
C LYS A 126 -12.70 9.53 32.66
N SER A 127 -12.48 10.68 33.29
CA SER A 127 -12.38 10.71 34.74
C SER A 127 -13.61 10.12 35.41
N ASP A 128 -14.77 10.24 34.77
CA ASP A 128 -16.01 9.66 35.28
C ASP A 128 -16.22 8.22 34.81
N LEU A 129 -15.24 7.63 34.13
CA LEU A 129 -15.24 6.22 33.73
C LEU A 129 -16.26 5.92 32.63
N VAL A 130 -16.85 6.94 32.00
CA VAL A 130 -17.66 6.69 30.82
C VAL A 130 -16.75 6.57 29.61
N ASN A 131 -16.90 5.48 28.88
CA ASN A 131 -15.99 5.15 27.79
C ASN A 131 -16.32 5.96 26.54
N GLU A 132 -15.27 6.38 25.84
CA GLU A 132 -15.39 7.05 24.56
C GLU A 132 -14.47 6.38 23.57
N GLU A 133 -15.00 6.03 22.40
CA GLU A 133 -14.29 5.20 21.44
C GLU A 133 -14.05 5.97 20.15
N ALA A 134 -13.02 5.55 19.42
CA ALA A 134 -12.70 6.07 18.10
C ALA A 134 -12.08 4.96 17.29
N THR A 135 -11.91 5.21 15.99
CA THR A 135 -11.41 4.19 15.08
C THR A 135 -10.38 4.80 14.12
N GLY A 136 -9.54 3.94 13.60
CA GLY A 136 -8.53 4.33 12.62
C GLY A 136 -8.06 3.11 11.86
N GLN A 137 -7.39 3.37 10.74
CA GLN A 137 -6.95 2.29 9.87
C GLN A 137 -5.75 2.74 9.07
N PHE A 138 -5.03 1.75 8.52
CA PHE A 138 -3.95 2.00 7.60
C PHE A 138 -3.74 0.75 6.75
N HIS A 139 -3.11 0.93 5.60
CA HIS A 139 -2.85 -0.17 4.67
C HIS A 139 -1.35 -0.44 4.58
N VAL A 140 -1.00 -1.72 4.49
CA VAL A 140 0.38 -2.15 4.33
C VAL A 140 0.52 -2.76 2.94
N TYR A 141 1.55 -2.34 2.21
CA TYR A 141 1.74 -2.81 0.86
C TYR A 141 3.16 -3.33 0.68
N PRO A 142 3.36 -4.33 -0.19
CA PRO A 142 4.70 -4.86 -0.38
C PRO A 142 5.58 -3.91 -1.17
N GLU A 143 6.90 -4.09 -1.01
CA GLU A 143 7.88 -3.30 -1.76
C GLU A 143 8.13 -4.03 -3.07
N LEU A 144 7.48 -3.56 -4.13
CA LEU A 144 7.48 -4.28 -5.39
C LEU A 144 8.89 -4.27 -6.00
N PRO A 145 9.25 -5.34 -6.71
CA PRO A 145 10.52 -5.33 -7.45
C PRO A 145 10.36 -4.76 -8.85
N LYS A 146 11.49 -4.44 -9.46
CA LYS A 146 11.47 -3.99 -10.85
C LYS A 146 10.92 -5.11 -11.73
N PRO A 147 9.91 -4.84 -12.55
CA PRO A 147 9.30 -5.91 -13.34
C PRO A 147 10.14 -6.25 -14.56
N SER A 148 9.58 -7.11 -15.40
CA SER A 148 10.22 -7.53 -16.64
C SER A 148 9.18 -7.60 -17.74
N ILE A 149 9.65 -7.61 -18.99
CA ILE A 149 8.79 -7.61 -20.17
C ILE A 149 9.14 -8.80 -21.03
N SER A 150 8.10 -9.42 -21.59
CA SER A 150 8.25 -10.54 -22.52
C SER A 150 7.39 -10.26 -23.75
N SER A 151 7.81 -10.81 -24.88
CA SER A 151 7.16 -10.59 -26.16
C SER A 151 6.70 -11.91 -26.75
N ASN A 152 5.51 -11.92 -27.33
CA ASN A 152 5.00 -13.10 -28.01
C ASN A 152 5.52 -13.21 -29.44
N ASN A 153 6.19 -12.18 -29.95
CA ASN A 153 6.88 -12.23 -31.22
C ASN A 153 8.19 -11.47 -31.09
N SER A 154 9.29 -12.13 -31.47
CA SER A 154 10.61 -11.53 -31.34
C SER A 154 11.13 -10.92 -32.63
N ASN A 155 10.54 -11.26 -33.77
CA ASN A 155 10.96 -10.76 -35.07
C ASN A 155 9.72 -10.21 -35.78
N PRO A 156 9.26 -9.03 -35.39
CA PRO A 156 8.04 -8.48 -35.99
C PRO A 156 8.16 -8.34 -37.50
N VAL A 157 7.06 -8.61 -38.20
CA VAL A 157 7.00 -8.40 -39.63
C VAL A 157 6.88 -6.91 -39.90
N GLU A 158 7.77 -6.38 -40.73
CA GLU A 158 7.89 -4.93 -40.90
C GLU A 158 6.60 -4.31 -41.46
N ASP A 159 6.00 -4.94 -42.47
CA ASP A 159 4.81 -4.36 -43.09
C ASP A 159 3.63 -4.30 -42.12
N LYS A 160 3.41 -5.36 -41.35
CA LYS A 160 2.34 -5.37 -40.37
C LYS A 160 2.52 -6.58 -39.46
N ASP A 161 2.06 -6.44 -38.21
CA ASP A 161 2.13 -7.52 -37.25
C ASP A 161 1.24 -7.19 -36.07
N ALA A 162 0.95 -8.20 -35.25
CA ALA A 162 0.11 -8.03 -34.07
C ALA A 162 0.83 -8.49 -32.81
N VAL A 163 2.11 -8.14 -32.68
CA VAL A 163 2.89 -8.56 -31.52
C VAL A 163 2.22 -8.07 -30.24
N ALA A 164 2.43 -8.79 -29.15
CA ALA A 164 1.88 -8.44 -27.85
C ALA A 164 2.98 -8.37 -26.81
N PHE A 165 2.88 -7.39 -25.91
CA PHE A 165 3.82 -7.20 -24.82
C PHE A 165 3.09 -7.34 -23.50
N THR A 166 3.80 -7.84 -22.49
CA THR A 166 3.20 -8.06 -21.17
C THR A 166 4.26 -7.91 -20.10
N CYS A 167 3.89 -7.30 -18.98
CA CYS A 167 4.72 -7.27 -17.79
C CYS A 167 4.42 -8.53 -16.98
N GLU A 168 5.37 -9.48 -16.97
CA GLU A 168 5.07 -10.82 -16.51
C GLU A 168 4.93 -10.93 -14.99
N PRO A 169 5.74 -10.22 -14.18
CA PRO A 169 5.67 -10.46 -12.73
C PRO A 169 4.40 -9.89 -12.12
N GLU A 170 3.30 -10.60 -12.30
CA GLU A 170 2.01 -10.12 -11.84
C GLU A 170 2.00 -9.95 -10.33
N THR A 171 1.39 -8.85 -9.88
CA THR A 171 1.25 -8.57 -8.45
C THR A 171 -0.10 -7.94 -8.20
N GLN A 172 -0.62 -8.16 -6.99
CA GLN A 172 -1.95 -7.67 -6.65
C GLN A 172 -1.93 -6.17 -6.37
N ASP A 173 -3.11 -5.56 -6.45
CA ASP A 173 -3.34 -4.13 -6.18
C ASP A 173 -2.22 -3.26 -6.74
N THR A 174 -1.65 -3.63 -7.88
CA THR A 174 -0.61 -2.84 -8.51
C THR A 174 -1.15 -2.17 -9.77
N THR A 175 -0.61 -0.99 -10.07
CA THR A 175 -1.00 -0.22 -11.25
C THR A 175 0.12 -0.29 -12.28
N TYR A 176 -0.23 -0.68 -13.51
CA TYR A 176 0.75 -0.85 -14.56
C TYR A 176 0.78 0.38 -15.46
N LEU A 177 2.00 0.84 -15.76
CA LEU A 177 2.22 1.94 -16.69
C LEU A 177 3.18 1.50 -17.77
N TRP A 178 2.83 1.80 -19.02
CA TRP A 178 3.66 1.49 -20.18
C TRP A 178 4.36 2.75 -20.65
N TRP A 179 5.66 2.65 -20.89
CA TRP A 179 6.45 3.76 -21.39
C TRP A 179 7.06 3.40 -22.73
N ILE A 180 6.95 4.31 -23.69
CA ILE A 180 7.51 4.16 -25.02
C ILE A 180 8.31 5.40 -25.34
N ASN A 181 9.43 5.22 -26.03
CA ASN A 181 10.30 6.32 -26.49
C ASN A 181 10.47 7.39 -25.42
N ASN A 182 10.57 6.97 -24.16
CA ASN A 182 10.78 7.89 -23.04
C ASN A 182 9.56 8.78 -22.83
N GLN A 183 8.37 8.27 -23.14
CA GLN A 183 7.15 9.05 -23.00
C GLN A 183 5.98 8.09 -22.73
N SER A 184 4.91 8.64 -22.17
CA SER A 184 3.70 7.87 -21.95
C SER A 184 3.10 7.43 -23.28
N LEU A 185 2.48 6.26 -23.27
CA LEU A 185 1.93 5.70 -24.49
C LEU A 185 0.87 6.65 -25.06
N PRO A 186 0.90 6.95 -26.36
CA PRO A 186 -0.17 7.77 -26.96
C PRO A 186 -1.44 6.97 -27.16
N VAL A 187 -2.50 7.34 -26.44
CA VAL A 187 -3.74 6.56 -26.49
C VAL A 187 -4.24 6.50 -27.93
N SER A 188 -4.46 5.29 -28.42
CA SER A 188 -4.93 5.07 -29.78
C SER A 188 -5.56 3.68 -29.84
N PRO A 189 -6.54 3.48 -30.72
CA PRO A 189 -7.13 2.13 -30.83
C PRO A 189 -6.13 1.06 -31.21
N ARG A 190 -5.06 1.41 -31.93
CA ARG A 190 -4.05 0.44 -32.29
C ARG A 190 -3.32 -0.11 -31.07
N LEU A 191 -3.40 0.57 -29.94
CA LEU A 191 -2.74 0.14 -28.71
C LEU A 191 -3.76 -0.59 -27.85
N GLN A 192 -3.97 -1.87 -28.16
CA GLN A 192 -4.89 -2.69 -27.40
C GLN A 192 -4.28 -3.10 -26.07
N LEU A 193 -5.14 -3.33 -25.07
CA LEU A 193 -4.71 -3.75 -23.75
C LEU A 193 -5.57 -4.94 -23.32
N SER A 194 -4.96 -5.83 -22.53
CA SER A 194 -5.65 -7.03 -22.08
C SER A 194 -5.09 -7.41 -20.71
N ASN A 195 -5.76 -8.35 -20.06
CA ASN A 195 -5.42 -8.77 -18.70
C ASN A 195 -5.37 -7.54 -17.78
N GLY A 196 -6.53 -6.89 -17.69
CA GLY A 196 -6.58 -5.53 -17.22
C GLY A 196 -5.92 -4.66 -18.27
N ASN A 197 -4.74 -4.13 -17.96
CA ASN A 197 -3.85 -3.62 -18.99
C ASN A 197 -2.41 -4.02 -18.71
N ARG A 198 -2.22 -5.16 -18.04
CA ARG A 198 -0.88 -5.71 -17.88
C ARG A 198 -0.29 -6.18 -19.20
N THR A 199 -1.13 -6.38 -20.22
CA THR A 199 -0.70 -6.80 -21.54
C THR A 199 -0.97 -5.69 -22.54
N LEU A 200 0.04 -5.34 -23.32
CA LEU A 200 -0.07 -4.33 -24.36
C LEU A 200 0.17 -4.98 -25.72
N THR A 201 -0.81 -4.85 -26.61
CA THR A 201 -0.74 -5.45 -27.94
C THR A 201 -0.84 -4.34 -28.98
N LEU A 202 0.13 -4.27 -29.88
CA LEU A 202 0.08 -3.36 -31.01
C LEU A 202 -0.62 -4.06 -32.16
N LEU A 203 -1.82 -3.58 -32.51
CA LEU A 203 -2.61 -4.24 -33.56
C LEU A 203 -1.90 -4.21 -34.90
N SER A 204 -1.27 -3.08 -35.26
CA SER A 204 -0.57 -2.97 -36.54
C SER A 204 0.77 -2.30 -36.27
N VAL A 205 1.84 -3.10 -36.31
CA VAL A 205 3.18 -2.57 -36.10
C VAL A 205 3.71 -1.97 -37.40
N THR A 206 4.63 -1.03 -37.27
CA THR A 206 5.31 -0.45 -38.41
C THR A 206 6.76 -0.20 -38.04
N ARG A 207 7.63 -0.19 -39.05
CA ARG A 207 9.04 0.04 -38.80
C ARG A 207 9.28 1.37 -38.08
N ASN A 208 8.38 2.33 -38.28
CA ASN A 208 8.48 3.60 -37.57
C ASN A 208 8.14 3.46 -36.09
N ASP A 209 7.57 2.33 -35.68
CA ASP A 209 7.24 2.10 -34.28
C ASP A 209 8.45 1.64 -33.47
N THR A 210 9.60 1.45 -34.11
CA THR A 210 10.80 1.03 -33.40
C THR A 210 11.14 2.02 -32.30
N GLY A 211 11.42 1.51 -31.11
CA GLY A 211 11.76 2.34 -29.98
C GLY A 211 11.88 1.54 -28.70
N PRO A 212 12.27 2.21 -27.61
CA PRO A 212 12.39 1.52 -26.32
C PRO A 212 11.02 1.31 -25.69
N TYR A 213 10.76 0.08 -25.26
CA TYR A 213 9.51 -0.28 -24.60
C TYR A 213 9.81 -0.64 -23.15
N GLU A 214 9.15 0.06 -22.22
CA GLU A 214 9.45 -0.07 -20.82
C GLU A 214 8.15 -0.12 -20.01
N CYS A 215 8.18 -0.87 -18.92
CA CYS A 215 7.02 -1.11 -18.09
C CYS A 215 7.31 -0.69 -16.66
N GLU A 216 6.30 -0.13 -15.99
CA GLU A 216 6.42 0.32 -14.62
C GLU A 216 5.26 -0.23 -13.80
N ILE A 217 5.54 -0.53 -12.53
CA ILE A 217 4.52 -0.91 -11.57
C ILE A 217 4.58 0.08 -10.41
N GLN A 218 3.43 0.57 -9.99
CA GLN A 218 3.36 1.52 -8.89
C GLN A 218 2.23 1.14 -7.94
N ASN A 219 2.56 0.99 -6.67
CA ASN A 219 1.59 0.81 -5.62
C ASN A 219 1.53 2.10 -4.81
N PRO A 220 0.61 2.25 -3.88
CA PRO A 220 0.49 3.53 -3.16
C PRO A 220 1.74 3.94 -2.40
N VAL A 221 2.77 3.09 -2.34
CA VAL A 221 3.90 3.36 -1.46
C VAL A 221 5.23 3.39 -2.23
N SER A 222 5.32 2.67 -3.35
CA SER A 222 6.59 2.55 -4.04
C SER A 222 6.36 2.19 -5.49
N ALA A 223 7.41 2.37 -6.30
CA ALA A 223 7.35 2.08 -7.72
C ALA A 223 8.74 2.22 -8.33
N ASN A 224 9.09 1.31 -9.23
CA ASN A 224 10.20 1.53 -10.16
C ASN A 224 10.00 0.62 -11.36
N ARG A 225 10.83 0.84 -12.38
CA ARG A 225 10.55 0.41 -13.74
C ARG A 225 11.43 -0.79 -14.12
N SER A 226 11.20 -1.30 -15.33
CA SER A 226 11.93 -2.46 -15.81
C SER A 226 12.97 -2.05 -16.86
N ASP A 227 13.68 -3.06 -17.36
CA ASP A 227 14.65 -2.84 -18.41
C ASP A 227 13.90 -2.58 -19.72
N PRO A 228 14.25 -1.51 -20.45
CA PRO A 228 13.51 -1.20 -21.69
C PRO A 228 13.79 -2.22 -22.78
N VAL A 229 12.73 -2.80 -23.33
CA VAL A 229 12.87 -3.74 -24.43
C VAL A 229 12.81 -2.97 -25.76
N THR A 230 13.45 -3.53 -26.77
CA THR A 230 13.57 -2.90 -28.08
C THR A 230 12.74 -3.67 -29.11
N LEU A 231 12.44 -2.99 -30.21
CA LEU A 231 11.65 -3.56 -31.30
C LEU A 231 12.58 -3.81 -32.49
N ASN A 232 12.48 -5.01 -33.08
CA ASN A 232 13.41 -5.46 -34.10
C ASN A 232 12.77 -5.34 -35.48
N VAL A 233 13.44 -4.64 -36.38
CA VAL A 233 13.06 -4.55 -37.79
C VAL A 233 14.31 -4.33 -38.61
N THR A 234 14.17 -4.41 -39.93
CA THR A 234 15.29 -4.18 -40.84
C THR A 234 14.79 -3.79 -42.23
C1 NAG B . 2.93 11.89 20.82
C2 NAG B . 3.14 12.84 19.66
C3 NAG B . 4.12 12.31 18.68
C4 NAG B . 5.42 11.97 19.33
C5 NAG B . 5.25 11.05 20.52
C6 NAG B . 6.59 10.90 21.25
C7 NAG B . 1.00 14.25 19.28
C8 NAG B . -0.37 14.48 18.56
N2 NAG B . 1.81 13.07 18.96
O3 NAG B . 4.33 13.30 17.63
O4 NAG B . 6.27 11.33 18.37
O5 NAG B . 4.24 11.55 21.47
O6 NAG B . 6.99 12.17 21.77
O7 NAG B . 1.39 15.03 20.10
H1 NAG B . 2.48 10.97 20.42
H2 NAG B . 3.52 13.82 20.05
H3 NAG B . 3.71 11.41 18.24
H4 NAG B . 5.91 12.91 19.66
H5 NAG B . 4.93 10.09 20.17
H61 NAG B . 7.33 10.53 20.57
H62 NAG B . 6.48 10.19 22.10
H81 NAG B . -0.79 15.44 18.90
H82 NAG B . -0.21 14.52 17.49
H83 NAG B . -1.06 13.66 18.81
HN2 NAG B . 1.48 12.42 18.27
HO3 NAG B . 5.08 13.03 17.08
HO4 NAG B . 6.04 10.42 18.31
HO6 NAG B . 7.45 12.04 22.61
C1 NAG C . 11.26 -7.52 11.68
C2 NAG C . 12.57 -7.85 12.39
C3 NAG C . 13.31 -8.94 11.70
C4 NAG C . 12.46 -10.17 11.51
C5 NAG C . 11.15 -9.84 10.83
C6 NAG C . 10.25 -11.09 10.82
C7 NAG C . 13.44 -5.73 13.58
C8 NAG C . 14.33 -4.44 13.59
N2 NAG C . 13.44 -6.60 12.41
O3 NAG C . 14.49 -9.28 12.49
O4 NAG C . 13.17 -11.11 10.72
O5 NAG C . 10.41 -8.75 11.50
O6 NAG C . 9.94 -11.46 12.15
O7 NAG C . 12.76 -5.99 14.54
H1 NAG C . 11.51 -7.11 10.69
H2 NAG C . 12.34 -8.17 13.43
H3 NAG C . 13.62 -8.59 10.73
H4 NAG C . 12.24 -10.60 12.51
H5 NAG C . 11.35 -9.55 9.82
H61 NAG C . 10.79 -11.91 10.34
H62 NAG C . 9.32 -10.89 10.25
H81 NAG C . 14.00 -3.75 12.81
H82 NAG C . 15.37 -4.72 13.43
H83 NAG C . 14.26 -3.95 14.58
HN2 NAG C . 14.00 -6.38 11.63
HO3 NAG C . 15.11 -8.55 12.48
HO4 NAG C . 14.03 -11.22 11.06
HO6 NAG C . 9.31 -12.19 12.14
C1 NAG D . 13.39 9.12 -19.74
C2 NAG D . 12.26 9.61 -18.84
C3 NAG D . 12.73 10.01 -17.50
C4 NAG D . 13.55 8.94 -16.84
C5 NAG D . 14.71 8.51 -17.73
C6 NAG D . 15.44 7.34 -17.06
C7 NAG D . 10.18 10.88 -19.75
C8 NAG D . 9.55 12.16 -20.40
N2 NAG D . 11.62 10.85 -19.48
O3 NAG D . 11.56 10.30 -16.66
O4 NAG D . 14.08 9.45 -15.61
O5 NAG D . 14.24 8.08 -19.06
O6 NAG D . 16.47 6.87 -17.93
O7 NAG D . 9.50 9.94 -19.48
H1 NAG D . 14.02 9.97 -20.02
H2 NAG D . 11.50 8.80 -18.74
H3 NAG D . 13.33 10.90 -17.59
H4 NAG D . 12.91 8.06 -16.64
H5 NAG D . 15.38 9.32 -17.84
H61 NAG D . 15.88 7.67 -16.14
H62 NAG D . 14.72 6.51 -16.86
H81 NAG D . 8.46 12.03 -20.44
H82 NAG D . 9.93 12.28 -21.41
H83 NAG D . 9.79 13.04 -19.79
HN2 NAG D . 12.18 11.62 -19.71
HO3 NAG D . 11.20 11.15 -16.88
HO4 NAG D . 13.38 9.53 -14.99
HO6 NAG D . 16.75 5.99 -17.65
C1 NAG E . -5.14 0.60 -16.78
C2 NAG E . -5.63 1.96 -17.26
C3 NAG E . -5.94 2.86 -16.14
C4 NAG E . -6.93 2.24 -15.19
C5 NAG E . -6.49 0.85 -14.74
C6 NAG E . -7.63 0.21 -13.94
C7 NAG E . -4.70 2.58 -19.60
C8 NAG E . -3.58 3.21 -20.50
N2 NAG E . -4.55 2.58 -18.14
O3 NAG E . -6.50 4.11 -16.67
O4 NAG E . -7.06 3.08 -14.05
O5 NAG E . -6.14 -0.04 -15.86
O6 NAG E . -7.97 1.06 -12.84
O7 NAG E . -5.67 2.08 -20.10
H1 NAG E . -4.18 0.74 -16.25
H2 NAG E . -6.55 1.81 -17.86
H3 NAG E . -5.03 3.08 -15.60
H4 NAG E . -7.91 2.16 -15.69
H5 NAG E . -5.63 0.96 -14.10
H61 NAG E . -8.49 0.09 -14.57
H62 NAG E . -7.31 -0.78 -13.55
H81 NAG E . -3.96 3.28 -21.53
H82 NAG E . -3.34 4.19 -20.14
H83 NAG E . -2.69 2.57 -20.48
HN2 NAG E . -3.75 2.98 -17.73
HO3 NAG E . -6.69 4.70 -15.95
HO4 NAG E . -7.96 3.08 -13.76
HO6 NAG E . -8.46 0.54 -12.18
C1 NAG F . 1.23 -13.57 -31.01
C2 NAG F . -0.20 -13.10 -30.81
C3 NAG F . -0.96 -13.11 -32.08
C4 NAG F . -0.27 -12.31 -33.15
C5 NAG F . 1.19 -12.68 -33.31
C6 NAG F . 1.86 -11.68 -34.25
C7 NAG F . -0.86 -13.75 -28.39
C8 NAG F . -1.56 -14.71 -27.37
N2 NAG F . -0.88 -14.05 -29.82
O3 NAG F . -2.29 -12.53 -31.84
O4 NAG F . -0.94 -12.54 -34.39
O5 NAG F . 1.93 -12.69 -32.02
O6 NAG F . 0.99 -11.39 -35.34
O7 NAG F . -0.30 -12.75 -27.99
H1 NAG F . 1.22 -14.60 -31.38
H2 NAG F . -0.19 -12.07 -30.39
H3 NAG F . -1.07 -14.12 -32.42
H4 NAG F . -0.34 -11.24 -32.90
H5 NAG F . 1.25 -13.66 -33.74
H61 NAG F . 2.08 -10.77 -33.71
H62 NAG F . 2.81 -12.11 -34.64
H81 NAG F . -1.47 -14.30 -26.36
H82 NAG F . -1.08 -15.68 -27.42
H83 NAG F . -2.62 -14.81 -27.64
HN2 NAG F . -1.34 -14.87 -30.14
HO3 NAG F . -2.82 -12.61 -32.63
HO4 NAG F . -0.83 -11.79 -34.94
HO6 NAG F . 1.48 -10.97 -36.05
C1 NAG G . 13.14 -1.07 -6.99
C2 NAG G . 12.18 -1.20 -5.83
C3 NAG G . 12.68 -2.15 -4.81
C4 NAG G . 13.32 -3.41 -5.35
C5 NAG G . 14.12 -3.23 -6.63
C6 NAG G . 14.44 -4.60 -7.23
C7 NAG G . 10.91 1.04 -5.45
C8 NAG G . 10.83 2.43 -4.75
N2 NAG G . 12.06 0.17 -5.17
O3 NAG G . 11.55 -2.56 -3.97
O4 NAG G . 14.22 -3.91 -4.36
O5 NAG G . 13.41 -2.41 -7.62
O6 NAG G . 13.40 -5.00 -8.09
O7 NAG G . 10.06 0.69 -6.21
H1 NAG G . 14.08 -0.64 -6.63
H2 NAG G . 11.19 -1.53 -6.20
H3 NAG G . 13.41 -1.65 -4.20
H4 NAG G . 12.54 -4.16 -5.52
H5 NAG G . 15.05 -2.74 -6.39
H61 NAG G . 15.37 -4.54 -7.79
H62 NAG G . 14.56 -5.34 -6.42
H81 NAG G . 11.69 3.05 -5.05
H82 NAG G . 9.91 2.94 -5.04
H83 NAG G . 10.85 2.30 -3.65
HN2 NAG G . 12.76 0.47 -4.54
HO3 NAG G . 10.88 -2.96 -4.52
HO4 NAG G . 13.72 -4.18 -3.61
HO6 NAG G . 13.40 -5.97 -8.18
C1 NAG H . 8.19 7.38 -40.74
C2 NAG H . 7.11 7.91 -41.67
C3 NAG H . 7.63 8.88 -42.66
C4 NAG H . 8.41 10.00 -42.00
C5 NAG H . 9.51 9.46 -41.10
C6 NAG H . 10.18 10.63 -40.37
C7 NAG H . 5.27 6.12 -42.01
C8 NAG H . 4.67 4.92 -42.81
N2 NAG H . 6.53 6.72 -42.44
O3 NAG H . 6.51 9.47 -43.39
O4 NAG H . 9.00 10.81 -43.02
O5 NAG H . 8.98 8.50 -40.11
O6 NAG H . 10.79 11.50 -41.32
O7 NAG H . 4.68 6.55 -41.06
H1 NAG H . 8.88 6.76 -41.33
H2 NAG H . 6.31 8.40 -41.06
H3 NAG H . 8.28 8.38 -43.36
H4 NAG H . 7.72 10.62 -41.40
H5 NAG H . 10.23 8.97 -41.71
H61 NAG H . 9.44 11.17 -39.80
H62 NAG H . 10.96 10.23 -39.68
H81 NAG H . 3.70 4.65 -42.40
H82 NAG H . 4.57 5.18 -43.85
H83 NAG H . 5.36 4.05 -42.73
HN2 NAG H . 7.00 6.37 -43.23
HO3 NAG H . 6.83 10.10 -44.03
HO4 NAG H . 9.23 11.64 -42.66
HO6 NAG H . 11.41 12.08 -40.86
#